data_7P73
#
_entry.id   7P73
#
_cell.length_a   60.450
_cell.length_b   63.990
_cell.length_c   146.950
_cell.angle_alpha   90.000
_cell.angle_beta   90.000
_cell.angle_gamma   90.000
#
_symmetry.space_group_name_H-M   'P 21 21 21'
#
loop_
_entity.id
_entity.type
_entity.pdbx_description
1 polymer 'Synaptojanin-2-binding protein,Annexin A2'
2 polymer 'Protein Tax-1'
3 non-polymer 'CALCIUM ION'
4 non-polymer GLYCEROL
5 water water
#
loop_
_entity_poly.entity_id
_entity_poly.type
_entity_poly.pdbx_seq_one_letter_code
_entity_poly.pdbx_strand_id
1 'polypeptide(L)'
;GSHMDYLVTEEEINLTRGPSGLGFNIVGGTDQQYVSNDSGIYVSRIKENGAAALDGRLQEGDKILSVNGQDLKNLLHQDA
VDLFRNAGYAVSLRVQHRLQVQGSAYGSVKAYTNFDAERDALNIETAIKTKGVDEVTIVNILTNRSNEQRQDIAFAYQRR
TKKELASALKSALSGHLETVILGLLKTPAQYDASELKASMKGLGTDEDSLIEIICSRTNQELQEINRVYKEMYKTDLEKD
IISDTSGDFRKLMVALAKGRRAEDGSVIDYELIDQDARDLYDAGVKRKGTDVPKWISIMTERSVPHLQKVFDRYKSYSPY
DMLESIRKEVKGDLENAFLNLVQCIQNKPLYFADRLYDSMKGKGTRDKVLIRIMVSRSEVDMLKIRSEFKRKYGKSLYYY
IQQDTKGDYQKALLYLCGGDD
;
A
2 'polypeptide(L)' TDDSEKHFRETEV B
#
loop_
_chem_comp.id
_chem_comp.type
_chem_comp.name
_chem_comp.formula
CA non-polymer 'CALCIUM ION' 'Ca 2'
GOL non-polymer GLYCEROL 'C3 H8 O3'
#
# COMPACT_ATOMS: atom_id res chain seq x y z
N SER A 2 0.97 6.47 -4.26
CA SER A 2 0.29 5.73 -3.20
C SER A 2 0.16 6.60 -1.95
N HIS A 3 -0.48 7.75 -2.09
CA HIS A 3 -0.50 8.76 -1.05
C HIS A 3 -1.93 9.04 -0.59
N MET A 4 -2.11 9.21 0.71
N MET A 4 -2.07 9.27 0.72
CA MET A 4 -3.42 9.52 1.23
CA MET A 4 -3.31 9.59 1.41
C MET A 4 -3.72 11.01 1.04
C MET A 4 -3.64 11.07 1.24
N ASP A 5 -4.92 11.41 1.45
CA ASP A 5 -5.36 12.79 1.34
C ASP A 5 -6.45 13.04 2.37
N TYR A 6 -6.54 14.28 2.84
CA TYR A 6 -7.64 14.74 3.68
C TYR A 6 -8.51 15.70 2.87
N LEU A 7 -9.79 15.41 2.80
CA LEU A 7 -10.76 16.28 2.15
C LEU A 7 -11.51 17.05 3.22
N VAL A 8 -11.21 18.34 3.35
CA VAL A 8 -11.84 19.20 4.33
C VAL A 8 -12.94 20.00 3.64
N THR A 9 -14.17 19.81 4.09
CA THR A 9 -15.33 20.49 3.52
C THR A 9 -16.18 21.08 4.64
N GLU A 10 -16.94 22.11 4.30
CA GLU A 10 -17.79 22.81 5.26
C GLU A 10 -19.24 22.72 4.82
N GLU A 11 -20.13 22.47 5.78
CA GLU A 11 -21.52 22.16 5.49
C GLU A 11 -22.43 22.78 6.55
N GLU A 12 -23.58 23.28 6.11
CA GLU A 12 -24.61 23.75 7.03
C GLU A 12 -25.60 22.63 7.29
N ILE A 13 -25.89 22.37 8.57
CA ILE A 13 -26.81 21.31 8.98
C ILE A 13 -27.84 21.93 9.91
N ASN A 14 -29.11 21.66 9.62
CA ASN A 14 -30.24 22.21 10.41
C ASN A 14 -30.94 21.05 11.11
N LEU A 15 -31.07 21.11 12.43
CA LEU A 15 -31.66 20.00 13.22
C LEU A 15 -32.86 20.50 14.04
N THR A 16 -33.73 19.56 14.43
CA THR A 16 -34.85 19.91 15.33
C THR A 16 -34.60 19.26 16.69
N ARG A 17 -34.43 20.09 17.72
N ARG A 17 -34.43 20.09 17.72
CA ARG A 17 -34.16 19.58 19.09
CA ARG A 17 -34.16 19.58 19.09
C ARG A 17 -35.37 18.81 19.64
C ARG A 17 -35.36 18.81 19.63
N GLY A 18 -35.09 17.65 20.23
CA GLY A 18 -36.18 16.84 20.82
C GLY A 18 -36.04 16.85 22.33
N PRO A 19 -36.71 15.93 23.06
CA PRO A 19 -36.51 15.85 24.50
C PRO A 19 -35.08 15.36 24.72
N SER A 20 -34.61 14.46 23.84
CA SER A 20 -33.25 13.89 23.94
C SER A 20 -32.19 14.89 23.45
N GLY A 21 -32.63 16.04 22.97
CA GLY A 21 -31.70 17.09 22.50
C GLY A 21 -31.33 16.88 21.06
N LEU A 22 -30.17 17.40 20.67
CA LEU A 22 -29.73 17.30 19.27
C LEU A 22 -29.13 15.92 19.04
N GLY A 23 -28.74 15.22 20.11
CA GLY A 23 -28.29 13.86 19.94
C GLY A 23 -26.82 13.67 19.67
N PHE A 24 -25.96 14.51 20.22
CA PHE A 24 -24.52 14.28 20.10
C PHE A 24 -23.79 14.97 21.25
N ASN A 25 -22.54 14.58 21.44
CA ASN A 25 -21.68 15.13 22.47
C ASN A 25 -20.57 15.96 21.83
N ILE A 26 -20.06 16.93 22.58
CA ILE A 26 -18.98 17.79 22.10
C ILE A 26 -17.83 17.76 23.08
N VAL A 27 -16.63 18.03 22.55
CA VAL A 27 -15.41 18.17 23.32
C VAL A 27 -14.68 19.40 22.81
N GLY A 28 -13.75 19.89 23.61
CA GLY A 28 -12.85 20.94 23.17
C GLY A 28 -13.12 22.26 23.86
N GLY A 29 -12.36 23.27 23.42
CA GLY A 29 -12.40 24.59 24.02
C GLY A 29 -11.00 25.06 24.39
N THR A 30 -10.85 26.37 24.60
CA THR A 30 -9.53 26.92 24.94
C THR A 30 -8.98 26.33 26.22
N ASP A 31 -9.86 25.88 27.12
CA ASP A 31 -9.45 25.29 28.39
C ASP A 31 -9.44 23.77 28.35
N GLN A 32 -9.85 23.16 27.23
CA GLN A 32 -9.92 21.71 27.10
C GLN A 32 -9.49 21.33 25.69
N GLN A 33 -8.27 21.72 25.32
CA GLN A 33 -7.79 21.54 23.95
C GLN A 33 -7.74 20.07 23.58
N TYR A 34 -8.61 19.67 22.64
CA TYR A 34 -8.72 18.27 22.26
C TYR A 34 -7.39 17.71 21.74
N VAL A 35 -6.64 18.54 21.02
CA VAL A 35 -5.25 18.23 20.69
C VAL A 35 -4.39 19.37 21.20
N SER A 36 -3.10 19.36 20.86
CA SER A 36 -2.19 20.36 21.41
C SER A 36 -2.47 21.76 20.85
N ASN A 37 -3.01 21.85 19.65
CA ASN A 37 -3.11 23.14 18.96
C ASN A 37 -4.53 23.70 18.95
N ASP A 38 -5.47 23.02 18.32
N ASP A 38 -5.48 22.97 18.38
CA ASP A 38 -6.77 23.64 18.08
CA ASP A 38 -6.81 23.50 18.13
C ASP A 38 -7.59 23.69 19.37
C ASP A 38 -7.60 23.66 19.43
N SER A 39 -8.18 24.84 19.62
CA SER A 39 -9.16 25.04 20.68
C SER A 39 -10.58 24.79 20.18
N GLY A 40 -10.71 24.15 19.03
CA GLY A 40 -12.00 24.01 18.39
C GLY A 40 -12.92 23.05 19.12
N ILE A 41 -14.19 23.10 18.75
CA ILE A 41 -15.25 22.26 19.31
C ILE A 41 -15.53 21.13 18.34
N TYR A 42 -15.48 19.89 18.83
CA TYR A 42 -15.60 18.72 17.97
C TYR A 42 -16.70 17.80 18.46
N VAL A 43 -17.35 17.13 17.51
CA VAL A 43 -18.33 16.09 17.81
C VAL A 43 -17.59 14.82 18.18
N SER A 44 -17.76 14.36 19.43
CA SER A 44 -17.07 13.16 19.88
C SER A 44 -17.94 11.90 19.82
N ARG A 45 -19.26 12.05 19.77
N ARG A 45 -19.26 12.07 19.82
CA ARG A 45 -20.13 10.89 19.74
CA ARG A 45 -20.18 10.91 19.84
C ARG A 45 -21.51 11.33 19.24
C ARG A 45 -21.55 11.30 19.32
N ILE A 46 -22.15 10.46 18.47
CA ILE A 46 -23.51 10.68 17.98
C ILE A 46 -24.40 9.59 18.57
N LYS A 47 -25.41 10.01 19.34
CA LYS A 47 -26.30 9.05 19.98
C LYS A 47 -27.20 8.39 18.94
N GLU A 48 -27.36 7.08 19.07
CA GLU A 48 -28.24 6.33 18.18
C GLU A 48 -29.68 6.79 18.37
N ASN A 49 -30.43 6.78 17.27
CA ASN A 49 -31.86 7.13 17.27
C ASN A 49 -32.09 8.55 17.79
N GLY A 50 -31.10 9.43 17.60
CA GLY A 50 -31.21 10.82 17.97
C GLY A 50 -31.36 11.73 16.76
N ALA A 51 -31.53 13.01 17.05
CA ALA A 51 -31.81 13.99 16.01
C ALA A 51 -30.71 14.04 14.97
N ALA A 52 -29.46 14.16 15.42
CA ALA A 52 -28.34 14.22 14.49
C ALA A 52 -28.18 12.91 13.73
N ALA A 53 -28.45 11.78 14.39
CA ALA A 53 -28.30 10.48 13.75
C ALA A 53 -29.29 10.31 12.59
N LEU A 54 -30.57 10.54 12.85
CA LEU A 54 -31.59 10.38 11.82
C LEU A 54 -31.35 11.32 10.64
N ASP A 55 -30.83 12.52 10.90
CA ASP A 55 -30.52 13.43 9.80
C ASP A 55 -29.35 12.92 8.98
N GLY A 56 -28.38 12.29 9.63
CA GLY A 56 -27.32 11.58 8.94
C GLY A 56 -26.16 12.40 8.43
N ARG A 57 -26.26 13.73 8.47
CA ARG A 57 -25.17 14.54 7.91
C ARG A 57 -24.02 14.71 8.89
N LEU A 58 -24.32 14.89 10.18
CA LEU A 58 -23.27 15.11 11.16
C LEU A 58 -22.45 13.84 11.36
N GLN A 59 -21.13 14.01 11.52
CA GLN A 59 -20.20 12.91 11.65
C GLN A 59 -19.41 13.06 12.95
N GLU A 60 -19.07 11.92 13.55
CA GLU A 60 -18.12 11.93 14.64
C GLU A 60 -16.77 12.43 14.14
N GLY A 61 -16.22 13.43 14.81
CA GLY A 61 -15.01 14.08 14.37
C GLY A 61 -15.20 15.43 13.72
N ASP A 62 -16.43 15.78 13.35
CA ASP A 62 -16.70 17.10 12.78
C ASP A 62 -16.33 18.19 13.78
N LYS A 63 -15.82 19.30 13.26
CA LYS A 63 -15.66 20.51 14.05
C LYS A 63 -16.90 21.38 13.86
N ILE A 64 -17.46 21.87 14.97
CA ILE A 64 -18.58 22.79 14.91
C ILE A 64 -18.03 24.19 14.76
N LEU A 65 -18.33 24.83 13.64
CA LEU A 65 -17.83 26.18 13.40
C LEU A 65 -18.72 27.25 14.01
N SER A 66 -20.05 27.08 13.90
CA SER A 66 -20.96 28.08 14.42
C SER A 66 -22.31 27.44 14.75
N VAL A 67 -23.00 28.07 15.70
CA VAL A 67 -24.35 27.67 16.11
C VAL A 67 -25.25 28.88 15.95
N ASN A 68 -26.23 28.77 15.05
CA ASN A 68 -27.16 29.86 14.75
C ASN A 68 -26.41 31.16 14.45
N GLY A 69 -25.34 31.06 13.66
CA GLY A 69 -24.58 32.22 13.24
C GLY A 69 -23.50 32.67 14.19
N GLN A 70 -23.41 32.10 15.39
CA GLN A 70 -22.42 32.49 16.39
C GLN A 70 -21.23 31.54 16.32
N ASP A 71 -20.04 32.11 16.13
CA ASP A 71 -18.85 31.31 15.91
C ASP A 71 -18.37 30.67 17.21
N LEU A 72 -17.89 29.43 17.10
CA LEU A 72 -17.32 28.69 18.22
C LEU A 72 -15.80 28.75 18.23
N LYS A 73 -15.25 29.89 17.85
CA LYS A 73 -13.81 30.07 17.76
C LYS A 73 -13.28 30.63 19.07
N ASN A 74 -12.27 29.96 19.62
CA ASN A 74 -11.56 30.43 20.82
C ASN A 74 -12.51 30.62 22.00
N LEU A 75 -13.45 29.69 22.18
CA LEU A 75 -14.36 29.74 23.30
C LEU A 75 -13.92 28.76 24.39
N LEU A 76 -14.23 29.12 25.63
CA LEU A 76 -14.20 28.14 26.70
C LEU A 76 -15.19 27.03 26.40
N HIS A 77 -14.92 25.84 26.94
CA HIS A 77 -15.85 24.72 26.74
C HIS A 77 -17.26 25.09 27.17
N GLN A 78 -17.38 25.69 28.36
CA GLN A 78 -18.71 26.01 28.90
C GLN A 78 -19.43 27.05 28.05
N ASP A 79 -18.69 28.01 27.50
CA ASP A 79 -19.34 29.02 26.67
C ASP A 79 -19.87 28.41 25.37
N ALA A 80 -19.19 27.39 24.85
CA ALA A 80 -19.71 26.67 23.70
C ALA A 80 -20.95 25.85 24.06
N VAL A 81 -20.89 25.14 25.19
CA VAL A 81 -22.06 24.41 25.67
C VAL A 81 -23.26 25.34 25.80
N ASP A 82 -23.03 26.54 26.33
CA ASP A 82 -24.14 27.47 26.58
C ASP A 82 -24.78 27.93 25.27
N LEU A 83 -23.99 28.06 24.20
CA LEU A 83 -24.57 28.39 22.91
C LEU A 83 -25.54 27.30 22.46
N PHE A 84 -25.20 26.03 22.71
CA PHE A 84 -26.11 24.94 22.37
C PHE A 84 -27.33 24.92 23.29
N ARG A 85 -27.12 25.07 24.59
CA ARG A 85 -28.23 25.01 25.54
C ARG A 85 -29.28 26.08 25.29
N ASN A 86 -28.89 27.19 24.68
CA ASN A 86 -29.76 28.34 24.53
C ASN A 86 -30.12 28.62 23.07
N ALA A 87 -29.97 27.62 22.19
CA ALA A 87 -30.15 27.80 20.77
C ALA A 87 -31.58 27.59 20.29
N GLY A 88 -32.49 27.18 21.18
CA GLY A 88 -33.86 26.95 20.77
C GLY A 88 -34.07 25.53 20.24
N TYR A 89 -35.25 25.32 19.65
CA TYR A 89 -35.54 24.00 19.12
C TYR A 89 -35.11 23.82 17.66
N ALA A 90 -34.98 24.90 16.91
CA ALA A 90 -34.51 24.83 15.52
C ALA A 90 -33.08 25.35 15.50
N VAL A 91 -32.12 24.45 15.31
CA VAL A 91 -30.71 24.77 15.44
C VAL A 91 -30.02 24.64 14.09
N SER A 92 -29.32 25.69 13.69
CA SER A 92 -28.55 25.73 12.45
C SER A 92 -27.07 25.61 12.80
N LEU A 93 -26.42 24.56 12.30
CA LEU A 93 -25.02 24.31 12.54
C LEU A 93 -24.22 24.48 11.26
N ARG A 94 -23.05 25.12 11.36
CA ARG A 94 -22.05 25.07 10.31
C ARG A 94 -20.90 24.22 10.81
N VAL A 95 -20.61 23.15 10.09
CA VAL A 95 -19.62 22.16 10.54
C VAL A 95 -18.55 22.01 9.47
N GLN A 96 -17.40 21.51 9.90
CA GLN A 96 -16.27 21.20 9.03
C GLN A 96 -16.03 19.70 9.07
N HIS A 97 -16.13 19.05 7.92
CA HIS A 97 -15.85 17.63 7.80
C HIS A 97 -14.40 17.43 7.41
N ARG A 98 -13.74 16.48 8.08
N ARG A 98 -13.75 16.46 8.06
CA ARG A 98 -12.40 16.02 7.71
CA ARG A 98 -12.35 16.06 7.70
C ARG A 98 -12.51 14.56 7.30
C ARG A 98 -12.40 14.59 7.30
N LEU A 99 -12.32 14.30 6.01
CA LEU A 99 -12.48 12.95 5.47
C LEU A 99 -11.11 12.43 5.03
N GLN A 100 -10.71 11.29 5.58
CA GLN A 100 -9.45 10.66 5.23
C GLN A 100 -9.64 9.78 3.99
N VAL A 101 -8.81 9.99 2.99
CA VAL A 101 -8.88 9.26 1.72
C VAL A 101 -7.64 8.39 1.61
N GLN A 102 -7.83 7.08 1.42
CA GLN A 102 -6.71 6.16 1.32
C GLN A 102 -6.07 6.22 -0.07
N GLY A 103 -4.79 5.86 -0.12
CA GLY A 103 -4.08 5.88 -1.39
C GLY A 103 -4.59 4.85 -2.38
N SER A 104 -4.87 3.65 -1.90
CA SER A 104 -5.43 2.59 -2.73
C SER A 104 -6.65 2.00 -2.05
N ALA A 105 -7.69 1.71 -2.85
CA ALA A 105 -8.88 1.07 -2.32
C ALA A 105 -8.66 -0.40 -2.00
N TYR A 106 -7.62 -1.02 -2.56
CA TYR A 106 -7.41 -2.45 -2.42
C TYR A 106 -6.21 -2.79 -1.54
N GLY A 107 -5.72 -1.83 -0.77
CA GLY A 107 -4.65 -2.13 0.18
C GLY A 107 -5.19 -2.71 1.47
N SER A 108 -4.35 -3.48 2.16
CA SER A 108 -4.71 -4.01 3.46
C SER A 108 -4.33 -3.09 4.61
N VAL A 109 -3.23 -2.35 4.47
CA VAL A 109 -2.79 -1.41 5.51
C VAL A 109 -3.33 -0.03 5.16
N LYS A 110 -4.07 0.56 6.10
N LYS A 110 -4.08 0.54 6.10
CA LYS A 110 -4.69 1.87 5.94
CA LYS A 110 -4.71 1.85 5.88
C LYS A 110 -3.98 2.91 6.80
C LYS A 110 -4.11 2.90 6.81
N ALA A 111 -4.09 4.16 6.37
CA ALA A 111 -3.65 5.25 7.22
C ALA A 111 -4.42 5.24 8.54
N TYR A 112 -3.70 5.47 9.63
CA TYR A 112 -4.31 5.51 10.96
C TYR A 112 -5.04 6.83 11.15
N THR A 113 -6.23 6.77 11.75
CA THR A 113 -7.10 7.95 11.76
C THR A 113 -6.61 9.01 12.74
N ASN A 114 -6.39 8.64 14.00
CA ASN A 114 -5.97 9.60 15.03
C ASN A 114 -4.45 9.57 15.17
N PHE A 115 -3.78 9.99 14.09
CA PHE A 115 -2.34 9.83 13.98
C PHE A 115 -1.59 10.99 14.63
N ASP A 116 -0.61 10.65 15.47
CA ASP A 116 0.24 11.63 16.15
C ASP A 116 1.68 11.09 16.06
N ALA A 117 2.47 11.67 15.15
CA ALA A 117 3.81 11.15 14.90
C ALA A 117 4.69 11.26 16.13
N GLU A 118 4.55 12.34 16.90
CA GLU A 118 5.39 12.53 18.08
C GLU A 118 5.09 11.49 19.14
N ARG A 119 3.81 11.15 19.34
CA ARG A 119 3.46 10.14 20.33
C ARG A 119 3.97 8.78 19.93
N ASP A 120 3.82 8.41 18.65
CA ASP A 120 4.34 7.14 18.17
C ASP A 120 5.86 7.04 18.33
N ALA A 121 6.57 8.14 18.01
CA ALA A 121 8.02 8.13 18.16
C ALA A 121 8.43 7.96 19.61
N LEU A 122 7.75 8.63 20.53
CA LEU A 122 8.02 8.46 21.95
C LEU A 122 7.76 7.02 22.37
N ASN A 123 6.63 6.46 21.94
CA ASN A 123 6.29 5.10 22.35
C ASN A 123 7.27 4.09 21.79
N ILE A 124 7.74 4.30 20.57
CA ILE A 124 8.72 3.36 20.00
C ILE A 124 10.05 3.46 20.72
N GLU A 125 10.50 4.69 21.02
CA GLU A 125 11.71 4.82 21.83
C GLU A 125 11.57 4.10 23.16
N THR A 126 10.41 4.26 23.80
CA THR A 126 10.17 3.55 25.06
C THR A 126 10.26 2.04 24.88
N ALA A 127 9.66 1.51 23.81
CA ALA A 127 9.70 0.07 23.58
C ALA A 127 11.11 -0.41 23.27
N ILE A 128 11.89 0.40 22.53
CA ILE A 128 13.27 0.01 22.23
C ILE A 128 14.09 -0.05 23.51
N LYS A 129 13.86 0.88 24.44
CA LYS A 129 14.66 0.96 25.64
C LYS A 129 14.15 0.10 26.79
N THR A 130 12.97 -0.49 26.67
CA THR A 130 12.55 -1.48 27.67
C THR A 130 13.51 -2.65 27.68
N LYS A 131 13.76 -3.18 28.88
CA LYS A 131 14.66 -4.31 29.05
C LYS A 131 14.21 -5.48 28.18
N GLY A 132 15.11 -5.94 27.31
CA GLY A 132 14.82 -7.04 26.40
C GLY A 132 14.10 -6.66 25.11
N VAL A 133 13.74 -5.38 24.96
CA VAL A 133 13.06 -4.82 23.79
C VAL A 133 11.61 -5.28 23.71
N ASP A 134 10.68 -4.31 23.67
CA ASP A 134 9.26 -4.58 23.57
C ASP A 134 8.86 -4.64 22.09
N GLU A 135 9.10 -5.81 21.48
CA GLU A 135 8.82 -5.96 20.06
C GLU A 135 7.32 -5.85 19.77
N VAL A 136 6.47 -6.30 20.70
CA VAL A 136 5.03 -6.28 20.45
C VAL A 136 4.55 -4.87 20.15
N THR A 137 5.00 -3.90 20.94
CA THR A 137 4.59 -2.51 20.74
C THR A 137 5.11 -1.98 19.41
N ILE A 138 6.37 -2.29 19.08
CA ILE A 138 6.95 -1.86 17.81
C ILE A 138 6.13 -2.39 16.64
N VAL A 139 5.75 -3.67 16.68
CA VAL A 139 4.95 -4.25 15.60
C VAL A 139 3.56 -3.63 15.59
N ASN A 140 2.94 -3.50 16.77
CA ASN A 140 1.59 -2.96 16.85
C ASN A 140 1.49 -1.58 16.21
N ILE A 141 2.52 -0.76 16.39
CA ILE A 141 2.49 0.60 15.83
C ILE A 141 2.78 0.56 14.33
N LEU A 142 3.93 0.01 13.95
CA LEU A 142 4.42 0.23 12.59
C LEU A 142 3.58 -0.51 11.54
N THR A 143 3.07 -1.69 11.85
CA THR A 143 2.24 -2.38 10.86
C THR A 143 0.84 -1.79 10.76
N ASN A 144 0.49 -0.84 11.62
CA ASN A 144 -0.83 -0.23 11.63
C ASN A 144 -0.76 1.26 11.31
N ARG A 145 0.28 1.65 10.56
CA ARG A 145 0.43 2.99 10.03
C ARG A 145 0.75 2.88 8.55
N SER A 146 0.29 3.85 7.76
CA SER A 146 0.64 3.84 6.35
C SER A 146 2.11 4.19 6.18
N ASN A 147 2.65 3.89 4.99
CA ASN A 147 4.05 4.17 4.74
C ASN A 147 4.38 5.65 4.94
N GLU A 148 3.48 6.53 4.53
CA GLU A 148 3.70 7.96 4.70
C GLU A 148 3.72 8.35 6.17
N GLN A 149 2.85 7.72 6.98
CA GLN A 149 2.87 7.98 8.41
C GLN A 149 4.16 7.47 9.06
N ARG A 150 4.70 6.36 8.56
CA ARG A 150 5.97 5.87 9.08
C ARG A 150 7.10 6.85 8.79
N GLN A 151 7.07 7.51 7.62
CA GLN A 151 8.09 8.52 7.33
C GLN A 151 8.01 9.66 8.33
N ASP A 152 6.80 10.03 8.74
CA ASP A 152 6.64 11.10 9.72
C ASP A 152 7.10 10.66 11.11
N ILE A 153 6.88 9.40 11.47
CA ILE A 153 7.41 8.88 12.73
C ILE A 153 8.93 8.92 12.73
N ALA A 154 9.54 8.46 11.63
CA ALA A 154 10.99 8.47 11.52
C ALA A 154 11.55 9.88 11.70
N PHE A 155 10.88 10.87 11.13
CA PHE A 155 11.34 12.25 11.27
C PHE A 155 11.28 12.70 12.72
N ALA A 156 10.15 12.47 13.39
CA ALA A 156 10.03 12.86 14.79
C ALA A 156 11.02 12.10 15.67
N TYR A 157 11.28 10.84 15.34
CA TYR A 157 12.20 10.04 16.15
C TYR A 157 13.62 10.61 16.10
N GLN A 158 14.10 10.94 14.90
CA GLN A 158 15.45 11.47 14.77
C GLN A 158 15.60 12.79 15.52
N ARG A 159 14.57 13.65 15.43
CA ARG A 159 14.64 14.92 16.14
C ARG A 159 14.72 14.72 17.64
N ARG A 160 14.02 13.71 18.16
CA ARG A 160 13.95 13.48 19.59
C ARG A 160 15.19 12.79 20.14
N THR A 161 15.79 11.89 19.36
CA THR A 161 16.85 11.02 19.85
C THR A 161 18.21 11.29 19.24
N LYS A 162 18.28 12.07 18.15
CA LYS A 162 19.48 12.25 17.34
C LYS A 162 19.98 10.95 16.73
N LYS A 163 19.08 9.96 16.58
CA LYS A 163 19.39 8.72 15.89
C LYS A 163 18.32 8.44 14.85
N GLU A 164 18.72 7.87 13.71
CA GLU A 164 17.75 7.46 12.71
C GLU A 164 16.94 6.28 13.23
N LEU A 165 15.63 6.31 12.97
CA LEU A 165 14.75 5.25 13.46
C LEU A 165 15.13 3.89 12.86
N ALA A 166 15.44 3.86 11.56
CA ALA A 166 15.81 2.60 10.93
C ALA A 166 17.06 2.01 11.56
N SER A 167 18.04 2.86 11.88
N SER A 167 18.02 2.88 11.88
CA SER A 167 19.25 2.37 12.52
CA SER A 167 19.28 2.40 12.54
C SER A 167 18.97 1.88 13.94
C SER A 167 18.96 1.88 13.94
N ALA A 168 18.13 2.59 14.67
CA ALA A 168 17.81 2.19 16.04
C ALA A 168 17.11 0.84 16.06
N LEU A 169 16.20 0.61 15.11
CA LEU A 169 15.51 -0.67 15.03
C LEU A 169 16.40 -1.76 14.47
N LYS A 170 17.32 -1.41 13.57
CA LYS A 170 18.32 -2.37 13.11
C LYS A 170 19.13 -2.91 14.28
N SER A 171 19.47 -2.03 15.23
CA SER A 171 20.21 -2.47 16.41
C SER A 171 19.34 -3.24 17.38
N ALA A 172 18.07 -2.86 17.52
CA ALA A 172 17.22 -3.44 18.55
C ALA A 172 16.61 -4.78 18.12
N LEU A 173 16.47 -5.04 16.83
CA LEU A 173 15.79 -6.23 16.33
C LEU A 173 16.80 -7.17 15.69
N SER A 174 16.30 -8.36 15.34
CA SER A 174 17.09 -9.38 14.65
C SER A 174 16.13 -10.33 13.94
N GLY A 175 16.69 -11.29 13.19
CA GLY A 175 15.89 -12.32 12.56
C GLY A 175 14.95 -11.78 11.48
N HIS A 176 13.94 -12.59 11.17
CA HIS A 176 12.99 -12.20 10.14
C HIS A 176 12.20 -10.95 10.52
N LEU A 177 11.97 -10.73 11.81
CA LEU A 177 11.23 -9.54 12.22
C LEU A 177 11.99 -8.26 11.84
N GLU A 178 13.31 -8.24 12.06
CA GLU A 178 14.09 -7.10 11.61
C GLU A 178 13.89 -6.85 10.13
N THR A 179 13.90 -7.92 9.32
CA THR A 179 13.73 -7.77 7.88
C THR A 179 12.40 -7.13 7.54
N VAL A 180 11.32 -7.57 8.18
CA VAL A 180 10.01 -6.98 7.94
C VAL A 180 9.99 -5.50 8.34
N ILE A 181 10.49 -5.19 9.53
CA ILE A 181 10.36 -3.82 10.04
C ILE A 181 11.19 -2.84 9.21
N LEU A 182 12.44 -3.19 8.92
N LEU A 182 12.44 -3.20 8.92
CA LEU A 182 13.28 -2.30 8.10
CA LEU A 182 13.28 -2.32 8.11
C LEU A 182 12.70 -2.13 6.71
C LEU A 182 12.70 -2.13 6.71
N GLY A 183 12.07 -3.17 6.16
CA GLY A 183 11.42 -3.03 4.86
C GLY A 183 10.25 -2.06 4.90
N LEU A 184 9.44 -2.13 5.96
CA LEU A 184 8.30 -1.24 6.09
C LEU A 184 8.72 0.22 6.24
N LEU A 185 9.93 0.47 6.76
CA LEU A 185 10.36 1.84 7.00
C LEU A 185 10.83 2.55 5.73
N LYS A 186 11.18 1.80 4.69
CA LYS A 186 11.61 2.45 3.45
C LYS A 186 10.39 2.90 2.64
N THR A 187 10.57 3.98 1.86
CA THR A 187 9.54 4.32 0.89
C THR A 187 9.43 3.19 -0.13
N PRO A 188 8.31 3.11 -0.87
CA PRO A 188 8.18 2.02 -1.84
C PRO A 188 9.31 1.96 -2.84
N ALA A 189 9.77 3.12 -3.34
CA ALA A 189 10.87 3.13 -4.29
C ALA A 189 12.18 2.71 -3.64
N GLN A 190 12.45 3.24 -2.44
CA GLN A 190 13.65 2.83 -1.70
C GLN A 190 13.66 1.33 -1.45
N TYR A 191 12.51 0.76 -1.09
CA TYR A 191 12.46 -0.66 -0.80
C TYR A 191 12.74 -1.47 -2.05
N ASP A 192 12.08 -1.15 -3.17
CA ASP A 192 12.31 -1.88 -4.41
C ASP A 192 13.75 -1.72 -4.87
N ALA A 193 14.32 -0.51 -4.75
CA ALA A 193 15.70 -0.31 -5.17
C ALA A 193 16.65 -1.17 -4.34
N SER A 194 16.44 -1.20 -3.02
N SER A 194 16.44 -1.21 -3.02
CA SER A 194 17.31 -2.00 -2.16
CA SER A 194 17.31 -2.00 -2.16
C SER A 194 17.14 -3.50 -2.43
C SER A 194 17.14 -3.49 -2.45
N GLU A 195 15.93 -3.94 -2.74
CA GLU A 195 15.71 -5.34 -3.08
C GLU A 195 16.36 -5.70 -4.41
N LEU A 196 16.31 -4.79 -5.38
CA LEU A 196 16.99 -5.03 -6.65
C LEU A 196 18.50 -5.11 -6.47
N LYS A 197 19.07 -4.18 -5.70
CA LYS A 197 20.51 -4.24 -5.42
C LYS A 197 20.88 -5.55 -4.75
N ALA A 198 20.08 -5.99 -3.77
CA ALA A 198 20.36 -7.24 -3.09
C ALA A 198 20.30 -8.43 -4.03
N SER A 199 19.41 -8.40 -5.03
CA SER A 199 19.32 -9.51 -5.97
C SER A 199 20.55 -9.64 -6.85
N MET A 200 21.36 -8.58 -6.97
CA MET A 200 22.50 -8.58 -7.86
C MET A 200 23.84 -8.52 -7.14
N LYS A 201 23.91 -7.94 -5.96
CA LYS A 201 25.18 -7.73 -5.29
C LYS A 201 25.82 -9.08 -4.94
N GLY A 202 27.11 -9.23 -5.28
CA GLY A 202 27.84 -10.46 -5.06
C GLY A 202 27.88 -11.33 -6.31
N LEU A 203 28.63 -12.42 -6.19
CA LEU A 203 28.74 -13.35 -7.32
C LEU A 203 27.36 -13.96 -7.60
N GLY A 204 27.04 -14.10 -8.87
CA GLY A 204 25.76 -14.64 -9.28
C GLY A 204 24.64 -13.64 -9.18
N THR A 205 23.43 -14.15 -9.35
CA THR A 205 22.23 -13.33 -9.42
C THR A 205 21.09 -14.10 -8.78
N ASP A 206 20.26 -13.43 -7.99
CA ASP A 206 18.98 -13.98 -7.55
C ASP A 206 17.94 -13.62 -8.62
N GLU A 207 17.90 -14.44 -9.68
CA GLU A 207 17.04 -14.13 -10.81
C GLU A 207 15.57 -14.09 -10.41
N ASP A 208 15.18 -14.97 -9.48
CA ASP A 208 13.79 -15.03 -9.04
C ASP A 208 13.30 -13.67 -8.52
N SER A 209 14.12 -13.02 -7.68
CA SER A 209 13.74 -11.73 -7.12
C SER A 209 13.84 -10.62 -8.15
N LEU A 210 14.92 -10.62 -8.95
CA LEU A 210 15.06 -9.61 -10.00
C LEU A 210 13.88 -9.67 -10.97
N ILE A 211 13.47 -10.87 -11.36
CA ILE A 211 12.34 -11.02 -12.28
C ILE A 211 11.05 -10.54 -11.64
N GLU A 212 10.80 -10.95 -10.39
CA GLU A 212 9.57 -10.56 -9.71
C GLU A 212 9.38 -9.05 -9.70
N ILE A 213 10.43 -8.30 -9.37
CA ILE A 213 10.28 -6.86 -9.24
C ILE A 213 10.17 -6.21 -10.62
N ILE A 214 11.06 -6.58 -11.54
CA ILE A 214 11.08 -5.89 -12.84
C ILE A 214 9.83 -6.22 -13.65
N CYS A 215 9.33 -7.46 -13.56
CA CYS A 215 8.16 -7.84 -14.35
C CYS A 215 6.85 -7.30 -13.78
N SER A 216 6.79 -6.96 -12.50
CA SER A 216 5.51 -6.59 -11.89
C SER A 216 5.31 -5.10 -11.68
N ARG A 217 6.37 -4.29 -11.75
CA ARG A 217 6.23 -2.87 -11.47
C ARG A 217 5.79 -2.11 -12.73
N THR A 218 5.02 -1.03 -12.51
CA THR A 218 4.52 -0.19 -13.59
C THR A 218 5.55 0.87 -14.00
N ASN A 219 5.23 1.59 -15.08
CA ASN A 219 6.09 2.69 -15.54
C ASN A 219 6.35 3.70 -14.42
N GLN A 220 5.29 4.11 -13.73
CA GLN A 220 5.42 5.11 -12.68
C GLN A 220 6.30 4.61 -11.55
N GLU A 221 6.12 3.35 -11.15
CA GLU A 221 6.95 2.77 -10.11
C GLU A 221 8.41 2.62 -10.59
N LEU A 222 8.60 2.17 -11.83
CA LEU A 222 9.97 1.97 -12.33
C LEU A 222 10.71 3.28 -12.52
N GLN A 223 10.01 4.34 -12.96
CA GLN A 223 10.69 5.62 -13.13
C GLN A 223 11.24 6.12 -11.80
N GLU A 224 10.46 5.96 -10.73
CA GLU A 224 10.92 6.40 -9.41
C GLU A 224 12.02 5.48 -8.88
N ILE A 225 11.92 4.17 -9.15
CA ILE A 225 12.98 3.25 -8.74
C ILE A 225 14.29 3.63 -9.42
N ASN A 226 14.25 3.88 -10.73
CA ASN A 226 15.45 4.25 -11.46
C ASN A 226 16.09 5.50 -10.87
N ARG A 227 15.27 6.49 -10.51
CA ARG A 227 15.80 7.72 -9.93
C ARG A 227 16.42 7.46 -8.56
N VAL A 228 15.69 6.73 -7.69
CA VAL A 228 16.16 6.52 -6.33
C VAL A 228 17.37 5.59 -6.30
N TYR A 229 17.38 4.58 -7.18
CA TYR A 229 18.53 3.68 -7.25
C TYR A 229 19.82 4.45 -7.51
N LYS A 230 19.77 5.44 -8.39
CA LYS A 230 20.95 6.23 -8.70
C LYS A 230 21.35 7.10 -7.51
N GLU A 231 20.38 7.63 -6.78
CA GLU A 231 20.69 8.39 -5.58
C GLU A 231 21.34 7.51 -4.51
N MET A 232 20.80 6.31 -4.31
CA MET A 232 21.26 5.45 -3.23
C MET A 232 22.61 4.82 -3.54
N TYR A 233 22.82 4.41 -4.79
CA TYR A 233 23.95 3.55 -5.13
C TYR A 233 24.94 4.20 -6.09
N LYS A 234 24.67 5.42 -6.55
CA LYS A 234 25.61 6.19 -7.39
C LYS A 234 25.90 5.49 -8.71
N THR A 235 24.96 4.67 -9.17
CA THR A 235 25.05 4.07 -10.49
C THR A 235 23.64 3.82 -10.98
N ASP A 236 23.50 3.65 -12.29
CA ASP A 236 22.19 3.41 -12.88
C ASP A 236 21.79 1.94 -12.69
N LEU A 237 20.50 1.73 -12.40
CA LEU A 237 19.97 0.38 -12.30
C LEU A 237 20.27 -0.40 -13.58
N GLU A 238 20.16 0.24 -14.74
CA GLU A 238 20.41 -0.44 -16.00
C GLU A 238 21.85 -0.93 -16.09
N LYS A 239 22.80 -0.16 -15.55
CA LYS A 239 24.20 -0.59 -15.58
C LYS A 239 24.43 -1.82 -14.71
N ASP A 240 23.75 -1.90 -13.56
CA ASP A 240 23.86 -3.09 -12.73
C ASP A 240 23.18 -4.29 -13.39
N ILE A 241 22.03 -4.08 -14.03
CA ILE A 241 21.40 -5.18 -14.76
C ILE A 241 22.32 -5.68 -15.85
N ILE A 242 22.94 -4.76 -16.60
CA ILE A 242 23.89 -5.15 -17.63
C ILE A 242 25.04 -5.93 -17.04
N SER A 243 25.49 -5.53 -15.84
CA SER A 243 26.62 -6.20 -15.21
C SER A 243 26.28 -7.63 -14.81
N ASP A 244 25.04 -7.87 -14.38
CA ASP A 244 24.66 -9.15 -13.77
C ASP A 244 23.98 -10.11 -14.74
N THR A 245 23.60 -9.68 -15.94
CA THR A 245 22.84 -10.52 -16.86
C THR A 245 23.51 -10.51 -18.23
N SER A 246 23.09 -11.45 -19.08
CA SER A 246 23.63 -11.57 -20.42
C SER A 246 22.58 -12.17 -21.35
N GLY A 247 22.89 -12.12 -22.65
CA GLY A 247 22.05 -12.75 -23.67
C GLY A 247 20.67 -12.13 -23.77
N ASP A 248 19.71 -12.97 -24.15
CA ASP A 248 18.34 -12.50 -24.33
C ASP A 248 17.68 -12.15 -23.00
N PHE A 249 18.08 -12.82 -21.92
CA PHE A 249 17.56 -12.47 -20.59
C PHE A 249 17.91 -11.02 -20.26
N ARG A 250 19.13 -10.59 -20.56
CA ARG A 250 19.51 -9.19 -20.34
C ARG A 250 18.63 -8.25 -21.17
N LYS A 251 18.46 -8.55 -22.46
CA LYS A 251 17.65 -7.70 -23.32
C LYS A 251 16.26 -7.48 -22.74
N LEU A 252 15.63 -8.55 -22.25
CA LEU A 252 14.27 -8.43 -21.74
C LEU A 252 14.24 -7.63 -20.44
N MET A 253 15.17 -7.90 -19.52
CA MET A 253 15.21 -7.19 -18.25
C MET A 253 15.51 -5.71 -18.46
N VAL A 254 16.52 -5.40 -19.28
CA VAL A 254 16.86 -4.01 -19.56
C VAL A 254 15.67 -3.27 -20.17
N ALA A 255 14.99 -3.93 -21.12
CA ALA A 255 13.85 -3.29 -21.78
C ALA A 255 12.74 -2.99 -20.78
N LEU A 256 12.40 -3.97 -19.94
CA LEU A 256 11.33 -3.77 -18.97
C LEU A 256 11.70 -2.69 -17.96
N ALA A 257 12.95 -2.68 -17.50
CA ALA A 257 13.37 -1.76 -16.45
C ALA A 257 13.34 -0.31 -16.89
N LYS A 258 13.29 -0.06 -18.19
CA LYS A 258 13.24 1.33 -18.66
C LYS A 258 11.92 2.00 -18.31
N GLY A 259 10.86 1.23 -18.08
CA GLY A 259 9.56 1.81 -17.76
C GLY A 259 9.04 2.71 -18.86
N ARG A 260 9.10 2.23 -20.10
CA ARG A 260 8.62 3.00 -21.25
C ARG A 260 7.47 2.29 -21.96
N ARG A 261 6.76 1.42 -21.25
CA ARG A 261 5.59 0.76 -21.82
C ARG A 261 4.55 1.80 -22.21
N ALA A 262 3.84 1.53 -23.31
CA ALA A 262 2.72 2.38 -23.68
C ALA A 262 1.69 2.42 -22.56
N GLU A 263 1.15 3.60 -22.31
CA GLU A 263 0.12 3.79 -21.26
C GLU A 263 -1.24 3.36 -21.79
N ASP A 264 -2.14 3.02 -20.87
CA ASP A 264 -3.47 2.61 -21.27
C ASP A 264 -4.21 3.76 -21.92
N GLY A 265 -4.79 3.50 -23.10
CA GLY A 265 -5.54 4.49 -23.84
C GLY A 265 -7.02 4.13 -23.90
N SER A 266 -7.81 5.10 -24.36
CA SER A 266 -9.25 4.93 -24.49
C SER A 266 -9.65 4.35 -25.83
N VAL A 267 -8.72 4.19 -26.77
CA VAL A 267 -8.99 3.66 -28.09
C VAL A 267 -8.42 2.25 -28.15
N ILE A 268 -9.29 1.28 -28.45
CA ILE A 268 -8.86 -0.10 -28.64
C ILE A 268 -8.40 -0.24 -30.08
N ASP A 269 -7.15 -0.69 -30.26
CA ASP A 269 -6.54 -0.81 -31.59
C ASP A 269 -6.70 -2.25 -32.05
N TYR A 270 -7.88 -2.54 -32.62
CA TYR A 270 -8.20 -3.92 -33.02
C TYR A 270 -7.24 -4.42 -34.10
N GLU A 271 -6.85 -3.55 -35.04
CA GLU A 271 -5.96 -4.00 -36.11
C GLU A 271 -4.60 -4.39 -35.54
N LEU A 272 -4.09 -3.60 -34.60
CA LEU A 272 -2.81 -3.91 -33.99
C LEU A 272 -2.90 -5.13 -33.09
N ILE A 273 -4.04 -5.34 -32.43
CA ILE A 273 -4.25 -6.53 -31.61
C ILE A 273 -4.05 -7.79 -32.45
N ASP A 274 -4.67 -7.81 -33.64
CA ASP A 274 -4.52 -8.98 -34.51
C ASP A 274 -3.10 -9.11 -35.03
N GLN A 275 -2.48 -8.00 -35.43
CA GLN A 275 -1.12 -8.08 -35.97
C GLN A 275 -0.14 -8.55 -34.91
N ASP A 276 -0.29 -8.05 -33.68
CA ASP A 276 0.57 -8.50 -32.58
C ASP A 276 0.38 -9.98 -32.30
N ALA A 277 -0.88 -10.44 -32.26
CA ALA A 277 -1.15 -11.85 -31.97
C ALA A 277 -0.56 -12.74 -33.05
N ARG A 278 -0.77 -12.37 -34.31
CA ARG A 278 -0.22 -13.18 -35.39
C ARG A 278 1.31 -13.14 -35.40
N ASP A 279 1.89 -11.98 -35.05
CA ASP A 279 3.35 -11.89 -34.98
C ASP A 279 3.91 -12.78 -33.88
N LEU A 280 3.24 -12.83 -32.72
CA LEU A 280 3.71 -13.70 -31.65
C LEU A 280 3.71 -15.16 -32.08
N TYR A 281 2.65 -15.56 -32.81
CA TYR A 281 2.56 -16.92 -33.32
C TYR A 281 3.64 -17.20 -34.37
N ASP A 282 3.79 -16.29 -35.34
CA ASP A 282 4.77 -16.48 -36.39
C ASP A 282 6.20 -16.45 -35.86
N ALA A 283 6.44 -15.74 -34.75
CA ALA A 283 7.77 -15.67 -34.18
C ALA A 283 8.14 -16.90 -33.36
N GLY A 284 7.16 -17.72 -33.00
CA GLY A 284 7.42 -18.79 -32.06
C GLY A 284 6.92 -20.15 -32.50
N VAL A 285 5.68 -20.50 -32.11
CA VAL A 285 5.16 -21.84 -32.32
C VAL A 285 5.11 -22.19 -33.80
N LYS A 286 4.89 -21.20 -34.67
CA LYS A 286 4.73 -21.50 -36.09
C LYS A 286 6.04 -21.87 -36.78
N ARG A 287 7.19 -21.49 -36.22
CA ARG A 287 8.46 -21.63 -36.91
C ARG A 287 9.43 -22.46 -36.10
N LYS A 288 10.50 -22.90 -36.77
CA LYS A 288 11.61 -23.53 -36.09
C LYS A 288 12.40 -22.49 -35.31
N GLY A 289 12.71 -22.80 -34.05
CA GLY A 289 13.35 -21.79 -33.22
C GLY A 289 12.39 -20.69 -32.84
N THR A 290 12.95 -19.55 -32.45
CA THR A 290 12.19 -18.43 -31.93
C THR A 290 12.84 -17.13 -32.34
N ASP A 291 12.01 -16.16 -32.74
CA ASP A 291 12.46 -14.78 -32.92
C ASP A 291 12.21 -14.05 -31.60
N VAL A 292 13.17 -14.22 -30.68
CA VAL A 292 13.01 -13.64 -29.34
C VAL A 292 12.92 -12.12 -29.37
N PRO A 293 13.71 -11.39 -30.17
CA PRO A 293 13.53 -9.92 -30.20
C PRO A 293 12.11 -9.49 -30.55
N LYS A 294 11.41 -10.24 -31.41
CA LYS A 294 10.03 -9.90 -31.72
C LYS A 294 9.15 -10.04 -30.48
N TRP A 295 9.28 -11.16 -29.76
CA TRP A 295 8.54 -11.35 -28.52
C TRP A 295 8.84 -10.24 -27.52
N ILE A 296 10.12 -9.90 -27.37
CA ILE A 296 10.51 -8.87 -26.41
C ILE A 296 9.87 -7.53 -26.76
N SER A 297 9.86 -7.16 -28.04
N SER A 297 9.87 -7.17 -28.04
CA SER A 297 9.34 -5.86 -28.43
CA SER A 297 9.34 -5.88 -28.45
C SER A 297 7.85 -5.76 -28.14
C SER A 297 7.85 -5.77 -28.15
N ILE A 298 7.08 -6.79 -28.53
CA ILE A 298 5.64 -6.73 -28.32
C ILE A 298 5.31 -6.74 -26.83
N MET A 299 5.95 -7.63 -26.07
CA MET A 299 5.54 -7.79 -24.67
C MET A 299 6.06 -6.69 -23.75
N THR A 300 7.03 -5.88 -24.18
CA THR A 300 7.49 -4.78 -23.34
C THR A 300 6.92 -3.42 -23.75
N GLU A 301 6.52 -3.26 -25.02
CA GLU A 301 6.13 -1.95 -25.50
C GLU A 301 4.64 -1.68 -25.41
N ARG A 302 3.80 -2.69 -25.62
CA ARG A 302 2.35 -2.47 -25.67
C ARG A 302 1.77 -2.31 -24.27
N SER A 303 0.65 -1.59 -24.19
CA SER A 303 -0.01 -1.40 -22.90
C SER A 303 -0.54 -2.74 -22.37
N VAL A 304 -0.73 -2.79 -21.05
CA VAL A 304 -1.24 -4.01 -20.43
C VAL A 304 -2.63 -4.37 -20.93
N PRO A 305 -3.61 -3.46 -21.00
CA PRO A 305 -4.92 -3.85 -21.54
C PRO A 305 -4.85 -4.32 -22.99
N HIS A 306 -3.98 -3.71 -23.79
CA HIS A 306 -3.77 -4.18 -25.16
C HIS A 306 -3.27 -5.61 -25.18
N LEU A 307 -2.24 -5.92 -24.37
CA LEU A 307 -1.66 -7.25 -24.37
C LEU A 307 -2.62 -8.31 -23.84
N GLN A 308 -3.51 -7.94 -22.92
CA GLN A 308 -4.55 -8.89 -22.50
C GLN A 308 -5.41 -9.31 -23.68
N LYS A 309 -5.75 -8.36 -24.55
CA LYS A 309 -6.53 -8.70 -25.73
C LYS A 309 -5.68 -9.41 -26.77
N VAL A 310 -4.40 -9.05 -26.87
CA VAL A 310 -3.49 -9.78 -27.77
C VAL A 310 -3.43 -11.25 -27.38
N PHE A 311 -3.28 -11.53 -26.08
CA PHE A 311 -3.15 -12.93 -25.65
C PHE A 311 -4.43 -13.72 -25.91
N ASP A 312 -5.59 -13.07 -25.90
CA ASP A 312 -6.82 -13.77 -26.24
C ASP A 312 -6.90 -14.02 -27.75
N ARG A 313 -6.53 -13.04 -28.55
CA ARG A 313 -6.52 -13.23 -30.00
C ARG A 313 -5.46 -14.25 -30.41
N TYR A 314 -4.37 -14.33 -29.64
CA TYR A 314 -3.32 -15.31 -29.92
C TYR A 314 -3.88 -16.73 -29.92
N LYS A 315 -4.85 -17.01 -29.05
CA LYS A 315 -5.44 -18.35 -28.98
C LYS A 315 -6.28 -18.66 -30.21
N SER A 316 -6.67 -17.65 -31.00
CA SER A 316 -7.37 -17.91 -32.25
C SER A 316 -6.43 -18.54 -33.28
N TYR A 317 -5.15 -18.21 -33.22
CA TYR A 317 -4.15 -18.67 -34.18
C TYR A 317 -3.39 -19.90 -33.70
N SER A 318 -3.10 -19.98 -32.41
CA SER A 318 -2.19 -20.98 -31.84
C SER A 318 -2.95 -22.04 -31.08
N PRO A 319 -2.56 -23.32 -31.22
CA PRO A 319 -3.22 -24.37 -30.43
C PRO A 319 -2.87 -24.34 -28.95
N TYR A 320 -1.89 -23.53 -28.55
CA TYR A 320 -1.47 -23.39 -27.16
C TYR A 320 -1.60 -21.92 -26.75
N ASP A 321 -1.94 -21.68 -25.49
CA ASP A 321 -2.03 -20.30 -25.02
C ASP A 321 -0.61 -19.73 -24.82
N MET A 322 -0.56 -18.44 -24.45
CA MET A 322 0.74 -17.77 -24.39
C MET A 322 1.68 -18.45 -23.42
N LEU A 323 1.19 -18.84 -22.24
CA LEU A 323 2.07 -19.44 -21.24
C LEU A 323 2.61 -20.77 -21.71
N GLU A 324 1.75 -21.63 -22.27
CA GLU A 324 2.23 -22.90 -22.80
C GLU A 324 3.21 -22.70 -23.95
N SER A 325 2.98 -21.68 -24.77
CA SER A 325 3.89 -21.42 -25.88
C SER A 325 5.28 -21.02 -25.39
N ILE A 326 5.34 -20.20 -24.33
CA ILE A 326 6.63 -19.84 -23.75
C ILE A 326 7.38 -21.08 -23.28
N ARG A 327 6.67 -21.99 -22.60
CA ARG A 327 7.34 -23.20 -22.09
C ARG A 327 7.91 -24.04 -23.22
N LYS A 328 7.23 -24.09 -24.35
CA LYS A 328 7.70 -24.91 -25.47
C LYS A 328 8.86 -24.26 -26.23
N GLU A 329 8.93 -22.93 -26.24
CA GLU A 329 9.85 -22.22 -27.13
C GLU A 329 11.19 -21.87 -26.48
N VAL A 330 11.19 -21.45 -25.22
CA VAL A 330 12.41 -20.94 -24.60
C VAL A 330 12.70 -21.75 -23.34
N LYS A 331 13.82 -21.43 -22.66
CA LYS A 331 14.21 -22.15 -21.46
C LYS A 331 14.98 -21.21 -20.55
N GLY A 332 15.30 -21.72 -19.35
CA GLY A 332 16.20 -21.04 -18.44
C GLY A 332 15.64 -19.73 -17.90
N ASP A 333 16.56 -18.80 -17.61
CA ASP A 333 16.17 -17.49 -17.07
C ASP A 333 15.17 -16.80 -17.99
N LEU A 334 15.36 -16.92 -19.31
CA LEU A 334 14.48 -16.25 -20.25
C LEU A 334 13.05 -16.80 -20.18
N GLU A 335 12.90 -18.13 -20.09
CA GLU A 335 11.57 -18.71 -19.91
C GLU A 335 10.93 -18.23 -18.61
N ASN A 336 11.69 -18.27 -17.52
CA ASN A 336 11.19 -17.81 -16.23
C ASN A 336 10.70 -16.36 -16.32
N ALA A 337 11.46 -15.50 -17.00
CA ALA A 337 11.09 -14.09 -17.12
C ALA A 337 9.80 -13.92 -17.91
N PHE A 338 9.71 -14.56 -19.07
CA PHE A 338 8.49 -14.42 -19.88
C PHE A 338 7.27 -14.96 -19.15
N LEU A 339 7.41 -16.08 -18.44
CA LEU A 339 6.28 -16.65 -17.71
C LEU A 339 5.79 -15.70 -16.62
N ASN A 340 6.73 -15.12 -15.86
CA ASN A 340 6.35 -14.15 -14.84
C ASN A 340 5.68 -12.94 -15.45
N LEU A 341 6.24 -12.43 -16.56
CA LEU A 341 5.69 -11.23 -17.18
C LEU A 341 4.27 -11.46 -17.69
N VAL A 342 4.02 -12.59 -18.33
CA VAL A 342 2.68 -12.83 -18.87
C VAL A 342 1.67 -13.00 -17.73
N GLN A 343 2.08 -13.65 -16.63
CA GLN A 343 1.21 -13.74 -15.47
C GLN A 343 0.88 -12.37 -14.92
N CYS A 344 1.88 -11.48 -14.82
CA CYS A 344 1.65 -10.13 -14.33
C CYS A 344 0.71 -9.34 -15.24
N ILE A 345 0.80 -9.57 -16.56
CA ILE A 345 -0.10 -8.89 -17.49
C ILE A 345 -1.51 -9.45 -17.36
N GLN A 346 -1.65 -10.76 -17.23
CA GLN A 346 -2.97 -11.38 -17.23
C GLN A 346 -3.72 -11.14 -15.93
N ASN A 347 -3.05 -11.35 -14.78
CA ASN A 347 -3.73 -11.24 -13.49
C ASN A 347 -2.64 -11.07 -12.41
N LYS A 348 -2.31 -9.82 -12.12
CA LYS A 348 -1.19 -9.57 -11.22
C LYS A 348 -1.50 -10.02 -9.79
N PRO A 349 -2.71 -9.80 -9.25
CA PRO A 349 -2.97 -10.33 -7.90
C PRO A 349 -2.86 -11.83 -7.79
N LEU A 350 -3.33 -12.57 -8.81
CA LEU A 350 -3.16 -14.02 -8.80
C LEU A 350 -1.69 -14.40 -8.89
N TYR A 351 -0.91 -13.66 -9.68
CA TYR A 351 0.54 -13.87 -9.72
C TYR A 351 1.16 -13.83 -8.33
N PHE A 352 0.82 -12.80 -7.54
CA PHE A 352 1.39 -12.68 -6.21
C PHE A 352 0.82 -13.74 -5.26
N ALA A 353 -0.46 -14.09 -5.40
CA ALA A 353 -1.02 -15.18 -4.60
C ALA A 353 -0.26 -16.47 -4.84
N ASP A 354 0.04 -16.79 -6.10
CA ASP A 354 0.80 -17.99 -6.42
C ASP A 354 2.21 -17.93 -5.86
N ARG A 355 2.86 -16.76 -5.94
CA ARG A 355 4.20 -16.67 -5.37
C ARG A 355 4.17 -16.84 -3.85
N LEU A 356 3.13 -16.31 -3.20
CA LEU A 356 3.01 -16.48 -1.75
C LEU A 356 2.80 -17.95 -1.38
N TYR A 357 1.92 -18.63 -2.11
CA TYR A 357 1.71 -20.05 -1.86
C TYR A 357 3.02 -20.82 -2.03
N ASP A 358 3.75 -20.56 -3.11
CA ASP A 358 5.03 -21.24 -3.34
C ASP A 358 6.03 -20.98 -2.22
N SER A 359 6.01 -19.78 -1.63
CA SER A 359 6.97 -19.47 -0.58
C SER A 359 6.69 -20.22 0.72
N MET A 360 5.49 -20.76 0.90
CA MET A 360 5.12 -21.43 2.15
C MET A 360 4.78 -22.90 2.01
N LYS A 361 4.44 -23.37 0.80
CA LYS A 361 3.77 -24.66 0.66
C LYS A 361 4.61 -25.82 1.19
N GLY A 362 5.93 -25.77 1.05
CA GLY A 362 6.78 -26.89 1.38
C GLY A 362 7.50 -26.74 2.72
N LYS A 363 8.57 -27.53 2.88
CA LYS A 363 9.36 -27.49 4.09
C LYS A 363 9.92 -26.09 4.32
N GLY A 364 9.79 -25.61 5.56
CA GLY A 364 10.29 -24.26 5.80
C GLY A 364 9.52 -23.20 5.03
N THR A 365 10.21 -22.08 4.83
CA THR A 365 9.62 -20.88 4.24
C THR A 365 10.67 -20.16 3.41
N ARG A 366 10.27 -19.69 2.23
CA ARG A 366 11.10 -18.75 1.46
C ARG A 366 10.80 -17.36 1.99
N ASP A 367 11.39 -17.04 3.15
CA ASP A 367 10.99 -15.84 3.89
C ASP A 367 11.25 -14.56 3.10
N LYS A 368 12.33 -14.53 2.31
CA LYS A 368 12.66 -13.32 1.56
C LYS A 368 11.53 -12.94 0.61
N VAL A 369 10.94 -13.94 -0.05
CA VAL A 369 9.85 -13.69 -0.98
C VAL A 369 8.57 -13.33 -0.23
N LEU A 370 8.26 -14.10 0.82
CA LEU A 370 7.07 -13.82 1.62
C LEU A 370 7.08 -12.40 2.18
N ILE A 371 8.20 -12.00 2.79
CA ILE A 371 8.30 -10.68 3.38
C ILE A 371 8.16 -9.60 2.31
N ARG A 372 8.84 -9.76 1.17
CA ARG A 372 8.85 -8.69 0.17
C ARG A 372 7.45 -8.47 -0.40
N ILE A 373 6.69 -9.55 -0.62
CA ILE A 373 5.34 -9.39 -1.14
C ILE A 373 4.43 -8.75 -0.10
N MET A 374 4.52 -9.19 1.16
CA MET A 374 3.65 -8.63 2.18
C MET A 374 3.96 -7.15 2.41
N VAL A 375 5.24 -6.77 2.35
CA VAL A 375 5.60 -5.37 2.53
C VAL A 375 5.18 -4.54 1.32
N SER A 376 5.56 -4.97 0.12
CA SER A 376 5.41 -4.13 -1.07
C SER A 376 3.97 -4.07 -1.60
N ARG A 377 3.13 -5.06 -1.31
CA ARG A 377 1.78 -5.06 -1.84
C ARG A 377 0.73 -4.68 -0.81
N SER A 378 1.13 -4.47 0.45
CA SER A 378 0.18 -4.18 1.53
C SER A 378 -0.61 -2.89 1.30
N GLU A 379 -0.08 -1.95 0.53
CA GLU A 379 -0.79 -0.70 0.25
C GLU A 379 -1.16 -0.57 -1.21
N VAL A 380 -1.12 -1.67 -1.96
CA VAL A 380 -1.46 -1.66 -3.37
C VAL A 380 -2.69 -2.55 -3.64
N ASP A 381 -2.52 -3.87 -3.58
CA ASP A 381 -3.59 -4.75 -4.00
C ASP A 381 -3.72 -5.99 -3.12
N MET A 382 -3.29 -5.91 -1.86
CA MET A 382 -3.35 -7.07 -0.98
C MET A 382 -4.76 -7.63 -0.85
N LEU A 383 -5.80 -6.78 -0.92
CA LEU A 383 -7.15 -7.31 -0.81
C LEU A 383 -7.50 -8.21 -2.00
N LYS A 384 -7.02 -7.85 -3.20
CA LYS A 384 -7.25 -8.70 -4.37
C LYS A 384 -6.40 -9.96 -4.31
N ILE A 385 -5.14 -9.83 -3.86
CA ILE A 385 -4.27 -10.99 -3.65
C ILE A 385 -4.95 -11.99 -2.72
N ARG A 386 -5.50 -11.49 -1.60
CA ARG A 386 -6.17 -12.37 -0.65
C ARG A 386 -7.38 -13.06 -1.28
N SER A 387 -8.13 -12.33 -2.10
CA SER A 387 -9.32 -12.91 -2.73
C SER A 387 -8.93 -14.01 -3.71
N GLU A 388 -7.90 -13.76 -4.54
CA GLU A 388 -7.43 -14.80 -5.44
C GLU A 388 -6.86 -15.99 -4.67
N PHE A 389 -6.11 -15.72 -3.60
CA PHE A 389 -5.53 -16.79 -2.81
C PHE A 389 -6.60 -17.70 -2.22
N LYS A 390 -7.63 -17.11 -1.60
CA LYS A 390 -8.67 -17.92 -0.97
C LYS A 390 -9.45 -18.71 -2.02
N ARG A 391 -9.71 -18.10 -3.18
CA ARG A 391 -10.46 -18.79 -4.22
C ARG A 391 -9.70 -19.99 -4.76
N LYS A 392 -8.39 -19.85 -4.96
CA LYS A 392 -7.62 -20.93 -5.56
C LYS A 392 -7.25 -22.00 -4.54
N TYR A 393 -6.79 -21.61 -3.36
CA TYR A 393 -6.21 -22.57 -2.44
C TYR A 393 -7.18 -23.03 -1.35
N GLY A 394 -8.35 -22.41 -1.23
CA GLY A 394 -9.39 -22.89 -0.35
C GLY A 394 -9.31 -22.43 1.09
N LYS A 395 -8.13 -22.04 1.56
CA LYS A 395 -7.96 -21.40 2.86
C LYS A 395 -7.32 -20.03 2.64
N SER A 396 -7.41 -19.19 3.66
CA SER A 396 -6.98 -17.81 3.51
C SER A 396 -5.45 -17.70 3.53
N LEU A 397 -4.96 -16.59 2.97
CA LEU A 397 -3.56 -16.23 3.12
C LEU A 397 -3.18 -16.15 4.59
N TYR A 398 -4.07 -15.59 5.42
CA TYR A 398 -3.87 -15.53 6.86
C TYR A 398 -3.55 -16.91 7.42
N TYR A 399 -4.33 -17.91 7.02
CA TYR A 399 -4.15 -19.27 7.52
C TYR A 399 -2.76 -19.82 7.18
N TYR A 400 -2.31 -19.63 5.94
CA TYR A 400 -1.00 -20.15 5.54
C TYR A 400 0.12 -19.43 6.28
N ILE A 401 0.03 -18.11 6.42
CA ILE A 401 1.04 -17.39 7.20
C ILE A 401 1.08 -17.90 8.63
N GLN A 402 -0.09 -18.16 9.21
CA GLN A 402 -0.14 -18.62 10.59
C GLN A 402 0.55 -19.96 10.77
N GLN A 403 0.39 -20.88 9.81
CA GLN A 403 1.01 -22.20 9.94
C GLN A 403 2.51 -22.14 9.70
N ASP A 404 3.00 -21.22 8.85
CA ASP A 404 4.39 -21.25 8.42
C ASP A 404 5.33 -20.39 9.26
N THR A 405 4.81 -19.43 10.01
CA THR A 405 5.64 -18.48 10.75
C THR A 405 5.20 -18.44 12.20
N LYS A 406 6.07 -17.89 13.06
CA LYS A 406 5.81 -17.88 14.49
C LYS A 406 6.30 -16.57 15.10
N GLY A 407 5.86 -16.33 16.34
CA GLY A 407 6.40 -15.24 17.13
C GLY A 407 5.90 -13.87 16.68
N ASP A 408 6.67 -12.85 17.05
CA ASP A 408 6.33 -11.48 16.65
C ASP A 408 6.42 -11.30 15.15
N TYR A 409 7.28 -12.09 14.50
CA TYR A 409 7.37 -12.08 13.04
C TYR A 409 6.05 -12.50 12.41
N GLN A 410 5.45 -13.57 12.93
CA GLN A 410 4.12 -13.97 12.48
C GLN A 410 3.10 -12.86 12.71
N LYS A 411 3.09 -12.27 13.89
CA LYS A 411 2.15 -11.17 14.24
C LYS A 411 2.27 -10.06 13.20
N ALA A 412 3.51 -9.68 12.86
CA ALA A 412 3.71 -8.59 11.91
C ALA A 412 3.15 -8.94 10.54
N LEU A 413 3.44 -10.15 10.06
CA LEU A 413 2.91 -10.56 8.76
C LEU A 413 1.38 -10.62 8.75
N LEU A 414 0.78 -11.05 9.86
CA LEU A 414 -0.68 -11.12 9.91
C LEU A 414 -1.31 -9.74 9.93
N TYR A 415 -0.67 -8.77 10.56
CA TYR A 415 -1.15 -7.39 10.47
C TYR A 415 -1.09 -6.88 9.03
N LEU A 416 0.02 -7.15 8.33
CA LEU A 416 0.15 -6.72 6.94
C LEU A 416 -0.85 -7.43 6.04
N CYS A 417 -1.19 -8.69 6.37
CA CYS A 417 -2.26 -9.37 5.67
C CYS A 417 -3.58 -8.63 5.83
N GLY A 418 -3.82 -8.11 7.04
CA GLY A 418 -4.94 -7.24 7.28
C GLY A 418 -6.22 -7.93 7.71
N GLY A 419 -6.25 -9.25 7.73
CA GLY A 419 -7.44 -9.95 8.16
C GLY A 419 -7.52 -11.32 7.53
N ASP A 420 -8.52 -12.07 7.97
CA ASP A 420 -8.79 -13.42 7.53
C ASP A 420 -9.86 -13.43 6.44
N ASP A 421 -9.90 -14.51 5.68
CA ASP A 421 -10.88 -14.67 4.60
C ASP A 421 -11.61 -16.00 4.72
N PHE B 8 -10.54 16.69 29.80
CA PHE B 8 -11.42 16.08 28.80
C PHE B 8 -12.86 16.04 29.31
N ARG B 9 -13.56 17.15 29.10
CA ARG B 9 -14.99 17.17 29.41
C ARG B 9 -15.73 16.83 28.12
N GLU B 10 -16.69 15.95 28.22
CA GLU B 10 -17.55 15.57 27.10
C GLU B 10 -18.98 15.88 27.51
N THR B 11 -19.63 16.79 26.77
CA THR B 11 -20.92 17.34 27.17
C THR B 11 -21.99 16.96 26.14
N GLU B 12 -23.10 16.43 26.64
CA GLU B 12 -24.23 16.10 25.78
C GLU B 12 -25.00 17.37 25.44
N VAL B 13 -25.26 17.57 24.15
CA VAL B 13 -26.08 18.70 23.71
C VAL B 13 -27.26 18.19 22.88
CA CA C . 12.00 -8.72 23.62
CA CA D . 19.95 -6.38 14.27
CA CA E . 25.97 -10.32 -9.17
CA CA F . 9.39 -22.37 -32.56
CA CA G . 6.20 -24.18 4.84
C1 GOL H . 5.17 -1.91 -5.91
O1 GOL H . 4.51 -2.90 -5.18
C2 GOL H . 5.24 -0.67 -5.01
O2 GOL H . 5.87 -0.93 -3.81
C3 GOL H . 5.93 0.46 -5.85
O3 GOL H . 7.29 0.16 -5.97
C1 GOL I . 3.15 -5.82 -16.04
O1 GOL I . 3.57 -5.74 -14.71
C2 GOL I . 3.76 -4.63 -16.84
O2 GOL I . 5.10 -4.82 -17.20
C3 GOL I . 3.55 -3.39 -15.96
O3 GOL I . 3.72 -2.27 -16.81
C1 GOL J . -1.15 0.17 -27.53
O1 GOL J . -0.16 -0.27 -26.61
C2 GOL J . -2.39 0.68 -26.82
O2 GOL J . -2.23 2.07 -26.53
C3 GOL J . -3.66 0.48 -27.61
O3 GOL J . -4.80 0.86 -26.85
C1 GOL K . 26.23 -5.58 -10.29
O1 GOL K . 26.89 -6.48 -11.18
C2 GOL K . 27.00 -5.43 -9.00
O2 GOL K . 27.98 -4.39 -9.15
C3 GOL K . 26.11 -5.12 -7.81
O3 GOL K . 26.88 -4.73 -6.68
CA CA L . 21.21 -17.57 -9.58
CA CA M . 11.04 -24.76 -21.98
#